data_4J7L
#
_entry.id   4J7L
#
_cell.length_a   50.010
_cell.length_b   87.660
_cell.length_c   53.940
_cell.angle_alpha   90.00
_cell.angle_beta   112.18
_cell.angle_gamma   90.00
#
_symmetry.space_group_name_H-M   'P 1 21 1'
#
loop_
_entity.id
_entity.type
_entity.pdbx_description
1 polymer 'Protein Dom3Z'
2 polymer "RNA (5'-R(P*UP*UP*UP*UP*U)-3')"
3 non-polymer "URIDINE 3',5'-BIS(DIHYDROGEN PHOSPHATE)"
4 non-polymer 'MAGNESIUM ION'
5 water water
#
loop_
_entity_poly.entity_id
_entity_poly.type
_entity_poly.pdbx_seq_one_letter_code
_entity_poly.pdbx_strand_id
1 'polypeptide(L)'
;MGSSHHHHHHSSGLVPRGSHPSLRTQPSLYSGPFPFYRRPSELGCFSLDAQRQYHGDARALRYYSPPPINGPGPDFDLRD
GYPDRYQPRDEEVQERLDHLLRWVLEHRNQLEGGPGWLAGATVTWRGHLTKLLTTPYERQEGWQLAASRFQGTLYLSEVE
TPAARAQRLARPPLLRELMYMGYKFEQYMCADKPGGSPDPSGEVNTNVAYCSVLRSRLGNHPLLFSGEVDCLNPQAPCTQ
PPSCYVELKTSKEMHSPGQWRSFYRHKLLKWWAQSFLPGVPHVVAGFRNPEGFVCSLKTFPTMEMFENVRNDREGWNPSV
CMNFCAAFLSFAQSTVVQDDPRLVHLFSWEPGGPVTVSVHRDAPYAFLPSWYVETMTQ
;
A
2 'polyribonucleotide' UUUUU B
#
loop_
_chem_comp.id
_chem_comp.type
_chem_comp.name
_chem_comp.formula
MG non-polymer 'MAGNESIUM ION' 'Mg 2'
U RNA linking URIDINE-5'-MONOPHOSPHATE 'C9 H13 N2 O9 P'
UBD RNA linking 'URIDINE 3',5'-BIS(DIHYDROGEN PHOSPHATE)' 'C9 H14 N2 O12 P2'
#
# COMPACT_ATOMS: atom_id res chain seq x y z
N PRO A 21 23.90 15.46 -5.99
CA PRO A 21 22.63 15.09 -6.65
C PRO A 21 21.63 14.54 -5.64
N SER A 22 20.72 15.40 -5.19
CA SER A 22 19.72 15.01 -4.22
C SER A 22 18.37 15.63 -4.57
N LEU A 23 17.33 15.24 -3.84
CA LEU A 23 16.00 15.77 -4.09
C LEU A 23 15.38 16.26 -2.78
N ARG A 24 14.99 17.54 -2.75
CA ARG A 24 14.38 18.14 -1.57
C ARG A 24 12.95 17.66 -1.38
N THR A 25 12.47 17.66 -0.13
CA THR A 25 11.13 17.16 0.17
C THR A 25 10.14 18.14 0.80
N GLN A 26 10.54 19.39 1.02
CA GLN A 26 9.64 20.36 1.64
C GLN A 26 8.36 20.62 0.86
N PRO A 27 7.21 20.61 1.56
CA PRO A 27 5.90 20.85 0.93
C PRO A 27 5.85 22.11 0.10
N SER A 28 6.48 23.18 0.59
CA SER A 28 6.48 24.46 -0.12
C SER A 28 6.97 24.35 -1.55
N LEU A 29 7.83 23.37 -1.81
CA LEU A 29 8.37 23.17 -3.14
C LEU A 29 7.41 22.45 -4.09
N TYR A 30 6.36 21.86 -3.54
CA TYR A 30 5.42 21.09 -4.35
C TYR A 30 3.96 21.50 -4.21
N SER A 31 3.71 22.74 -3.78
N SER A 31 3.70 22.73 -3.78
CA SER A 31 2.35 23.24 -3.58
CA SER A 31 2.34 23.22 -3.58
C SER A 31 1.64 23.71 -4.84
C SER A 31 1.63 23.70 -4.84
N GLY A 32 2.15 23.34 -6.01
CA GLY A 32 1.51 23.75 -7.25
C GLY A 32 0.19 23.03 -7.52
N PRO A 33 -0.40 23.20 -8.71
CA PRO A 33 -1.67 22.55 -9.08
C PRO A 33 -1.56 21.02 -8.98
N PHE A 34 -2.70 20.36 -8.75
CA PHE A 34 -2.72 18.90 -8.64
C PHE A 34 -2.24 18.38 -10.00
N PRO A 35 -1.32 17.39 -10.00
CA PRO A 35 -0.83 16.85 -11.27
C PRO A 35 -1.75 15.81 -11.90
N PHE A 36 -1.47 15.43 -13.14
CA PHE A 36 -2.27 14.43 -13.82
C PHE A 36 -2.07 13.05 -13.23
N TYR A 37 -3.16 12.39 -12.87
CA TYR A 37 -3.08 11.04 -12.35
C TYR A 37 -4.16 10.23 -13.05
N ARG A 38 -3.73 9.25 -13.84
CA ARG A 38 -4.66 8.41 -14.59
C ARG A 38 -5.60 7.57 -13.74
N ARG A 39 -6.87 7.52 -14.14
CA ARG A 39 -7.85 6.70 -13.43
C ARG A 39 -7.27 5.28 -13.49
N PRO A 40 -6.99 4.67 -12.32
CA PRO A 40 -6.42 3.32 -12.29
C PRO A 40 -7.29 2.23 -12.90
N SER A 41 -6.65 1.34 -13.65
CA SER A 41 -7.34 0.22 -14.28
C SER A 41 -6.76 -1.08 -13.73
N GLU A 42 -7.61 -2.03 -13.39
CA GLU A 42 -7.10 -3.30 -12.89
C GLU A 42 -6.74 -4.18 -14.07
N LEU A 43 -5.49 -4.63 -14.10
CA LEU A 43 -4.99 -5.48 -15.18
C LEU A 43 -5.15 -6.94 -14.82
N GLY A 44 -5.18 -7.22 -13.53
CA GLY A 44 -5.33 -8.59 -13.07
C GLY A 44 -5.20 -8.67 -11.57
N CYS A 45 -4.90 -9.85 -11.08
CA CYS A 45 -4.76 -10.08 -9.65
C CYS A 45 -4.03 -11.38 -9.38
N PHE A 46 -3.74 -11.61 -8.11
CA PHE A 46 -3.12 -12.84 -7.67
C PHE A 46 -3.37 -12.98 -6.17
N SER A 47 -3.31 -14.22 -5.71
CA SER A 47 -3.54 -14.51 -4.31
C SER A 47 -2.37 -15.28 -3.73
N LEU A 48 -2.13 -15.09 -2.43
CA LEU A 48 -1.10 -15.82 -1.72
C LEU A 48 -1.91 -16.61 -0.69
N ASP A 49 -1.68 -17.92 -0.60
CA ASP A 49 -2.45 -18.73 0.35
C ASP A 49 -1.85 -18.83 1.75
N ALA A 50 -2.47 -19.68 2.56
CA ALA A 50 -2.04 -19.90 3.94
C ALA A 50 -0.58 -20.32 4.08
N GLN A 51 -0.01 -20.87 3.01
CA GLN A 51 1.39 -21.30 3.02
C GLN A 51 2.25 -20.30 2.25
N ARG A 52 1.67 -19.16 1.94
CA ARG A 52 2.33 -18.08 1.21
C ARG A 52 2.68 -18.48 -0.23
N GLN A 53 1.90 -19.41 -0.79
CA GLN A 53 2.12 -19.85 -2.16
C GLN A 53 1.29 -19.00 -3.10
N TYR A 54 1.88 -18.66 -4.23
CA TYR A 54 1.25 -17.82 -5.25
C TYR A 54 0.23 -18.55 -6.14
N HIS A 55 -0.88 -17.88 -6.43
CA HIS A 55 -1.90 -18.43 -7.30
C HIS A 55 -2.41 -17.27 -8.16
N GLY A 56 -2.37 -17.45 -9.47
CA GLY A 56 -2.81 -16.41 -10.37
C GLY A 56 -4.32 -16.29 -10.50
N ASP A 57 -5.00 -16.14 -9.37
CA ASP A 57 -6.46 -16.01 -9.37
C ASP A 57 -6.90 -15.25 -8.12
N ALA A 58 -8.21 -15.05 -8.00
CA ALA A 58 -8.78 -14.31 -6.87
C ALA A 58 -9.30 -15.17 -5.72
N ARG A 59 -8.72 -16.34 -5.52
CA ARG A 59 -9.18 -17.23 -4.45
C ARG A 59 -9.11 -16.61 -3.06
N ALA A 60 -8.20 -15.66 -2.85
CA ALA A 60 -8.06 -15.04 -1.54
C ALA A 60 -8.95 -13.83 -1.30
N LEU A 61 -9.68 -13.40 -2.33
CA LEU A 61 -10.56 -12.25 -2.21
C LEU A 61 -11.73 -12.55 -1.29
N ARG A 62 -12.00 -11.64 -0.36
CA ARG A 62 -13.13 -11.82 0.56
C ARG A 62 -14.17 -10.75 0.25
N TYR A 63 -15.35 -10.87 0.84
CA TYR A 63 -16.42 -9.91 0.57
C TYR A 63 -16.92 -9.14 1.77
N TYR A 64 -17.08 -7.83 1.57
CA TYR A 64 -17.55 -6.92 2.60
C TYR A 64 -18.87 -7.43 3.16
N SER A 65 -18.93 -7.58 4.48
CA SER A 65 -20.12 -8.08 5.15
C SER A 65 -20.26 -7.47 6.54
N PRO A 66 -20.72 -6.21 6.60
CA PRO A 66 -20.92 -5.46 7.84
C PRO A 66 -22.07 -6.01 8.67
N PRO A 67 -22.19 -5.57 9.93
CA PRO A 67 -23.25 -6.01 10.84
C PRO A 67 -24.65 -5.86 10.24
N PRO A 68 -25.53 -6.85 10.47
CA PRO A 68 -26.90 -6.81 9.94
C PRO A 68 -27.60 -5.48 10.25
N ILE A 69 -28.34 -4.96 9.28
CA ILE A 69 -29.04 -3.69 9.41
C ILE A 69 -29.95 -3.59 10.64
N ASN A 70 -30.65 -4.67 10.97
CA ASN A 70 -31.56 -4.68 12.11
C ASN A 70 -30.97 -5.21 13.41
N GLY A 71 -29.77 -5.78 13.34
CA GLY A 71 -29.15 -6.33 14.53
C GLY A 71 -28.52 -5.30 15.45
N PRO A 72 -27.83 -5.75 16.51
CA PRO A 72 -27.18 -4.85 17.46
C PRO A 72 -26.00 -4.14 16.81
N GLY A 73 -25.49 -3.08 17.44
CA GLY A 73 -24.36 -2.38 16.88
C GLY A 73 -23.13 -3.28 16.92
N PRO A 74 -22.03 -2.90 16.27
CA PRO A 74 -20.84 -3.77 16.31
C PRO A 74 -20.23 -3.83 17.71
N ASP A 75 -19.64 -4.96 18.03
CA ASP A 75 -18.98 -5.15 19.33
C ASP A 75 -17.94 -6.24 19.11
N PHE A 76 -17.09 -6.05 18.11
CA PHE A 76 -16.07 -7.02 17.76
C PHE A 76 -14.91 -7.07 18.76
N ASP A 77 -14.64 -8.26 19.29
CA ASP A 77 -13.54 -8.43 20.24
C ASP A 77 -12.27 -8.71 19.41
N LEU A 78 -11.49 -7.67 19.19
CA LEU A 78 -10.27 -7.79 18.38
C LEU A 78 -9.15 -8.59 19.05
N ARG A 79 -9.24 -8.86 20.34
CA ARG A 79 -8.22 -9.63 21.04
C ARG A 79 -8.53 -11.12 20.97
N ASP A 80 -9.76 -11.46 20.62
CA ASP A 80 -10.17 -12.85 20.54
C ASP A 80 -9.26 -13.64 19.61
N GLY A 81 -8.70 -14.75 20.11
CA GLY A 81 -7.84 -15.57 19.29
C GLY A 81 -6.36 -15.25 19.39
N TYR A 82 -6.01 -14.16 20.06
CA TYR A 82 -4.62 -13.79 20.20
C TYR A 82 -4.03 -14.47 21.44
N PRO A 83 -2.93 -15.24 21.27
CA PRO A 83 -2.22 -15.50 20.03
C PRO A 83 -2.38 -16.95 19.53
N ASP A 84 -3.20 -17.73 20.22
CA ASP A 84 -3.40 -19.14 19.86
C ASP A 84 -3.94 -19.39 18.46
N ARG A 85 -4.76 -18.48 17.95
CA ARG A 85 -5.31 -18.64 16.60
C ARG A 85 -4.73 -17.60 15.66
N TYR A 86 -3.44 -17.34 15.85
CA TYR A 86 -2.69 -16.38 15.04
C TYR A 86 -1.51 -17.08 14.38
N GLN A 87 -1.46 -17.00 13.06
CA GLN A 87 -0.38 -17.59 12.28
C GLN A 87 0.22 -16.45 11.45
N PRO A 88 1.13 -15.67 12.06
CA PRO A 88 1.79 -14.52 11.42
C PRO A 88 2.80 -14.90 10.36
N ARG A 89 2.80 -14.16 9.26
CA ARG A 89 3.75 -14.46 8.20
C ARG A 89 5.16 -14.14 8.72
N ASP A 90 6.14 -14.86 8.21
CA ASP A 90 7.53 -14.69 8.62
C ASP A 90 8.12 -13.42 8.04
N GLU A 91 8.24 -12.37 8.86
CA GLU A 91 8.77 -11.11 8.38
C GLU A 91 10.26 -11.14 8.01
N GLU A 92 10.96 -12.19 8.41
CA GLU A 92 12.37 -12.31 8.08
C GLU A 92 12.56 -12.64 6.61
N VAL A 93 11.50 -13.14 5.98
CA VAL A 93 11.53 -13.48 4.56
C VAL A 93 11.22 -12.21 3.76
N GLN A 94 12.22 -11.70 3.05
CA GLN A 94 12.04 -10.51 2.23
C GLN A 94 11.69 -10.92 0.80
N GLU A 95 10.42 -10.80 0.45
CA GLU A 95 9.95 -11.18 -0.87
C GLU A 95 10.19 -10.10 -1.92
N ARG A 96 10.37 -8.87 -1.45
CA ARG A 96 10.59 -7.75 -2.36
C ARG A 96 9.53 -7.72 -3.46
N LEU A 97 9.92 -7.64 -4.73
CA LEU A 97 8.94 -7.59 -5.80
C LEU A 97 8.60 -8.96 -6.40
N ASP A 98 9.20 -10.03 -5.86
CA ASP A 98 9.01 -11.37 -6.41
C ASP A 98 7.61 -11.78 -6.88
N HIS A 99 6.61 -11.65 -6.01
CA HIS A 99 5.26 -12.03 -6.41
C HIS A 99 4.72 -11.20 -7.57
N LEU A 100 5.00 -9.90 -7.55
CA LEU A 100 4.55 -9.05 -8.64
C LEU A 100 5.26 -9.41 -9.94
N LEU A 101 6.55 -9.73 -9.84
CA LEU A 101 7.32 -10.09 -11.03
C LEU A 101 6.78 -11.37 -11.66
N ARG A 102 6.33 -12.31 -10.85
CA ARG A 102 5.77 -13.53 -11.39
C ARG A 102 4.52 -13.18 -12.19
N TRP A 103 3.69 -12.27 -11.66
CA TRP A 103 2.50 -11.87 -12.39
C TRP A 103 2.89 -11.23 -13.72
N VAL A 104 3.87 -10.33 -13.69
CA VAL A 104 4.31 -9.67 -14.92
C VAL A 104 4.80 -10.69 -15.94
N LEU A 105 5.59 -11.65 -15.47
CA LEU A 105 6.13 -12.68 -16.34
C LEU A 105 5.01 -13.45 -17.03
N GLU A 106 4.02 -13.84 -16.24
CA GLU A 106 2.88 -14.59 -16.76
C GLU A 106 1.88 -13.77 -17.57
N HIS A 107 2.10 -12.46 -17.67
CA HIS A 107 1.20 -11.60 -18.42
C HIS A 107 1.92 -10.64 -19.35
N ARG A 108 3.24 -10.80 -19.51
CA ARG A 108 3.98 -9.88 -20.34
C ARG A 108 3.48 -9.67 -21.76
N ASN A 109 2.91 -10.71 -22.37
CA ASN A 109 2.41 -10.59 -23.73
C ASN A 109 0.91 -10.30 -23.76
N GLN A 110 0.36 -9.95 -22.61
CA GLN A 110 -1.07 -9.65 -22.51
C GLN A 110 -1.29 -8.29 -21.88
N LEU A 111 -0.24 -7.47 -21.85
CA LEU A 111 -0.34 -6.14 -21.26
C LEU A 111 -0.90 -5.13 -22.27
N GLU A 112 -1.78 -4.25 -21.80
CA GLU A 112 -2.35 -3.23 -22.67
C GLU A 112 -1.36 -2.08 -22.80
N GLY A 113 -1.74 -1.05 -23.55
CA GLY A 113 -0.85 0.09 -23.73
C GLY A 113 -0.05 -0.01 -25.01
N GLY A 114 -0.10 -1.16 -25.67
CA GLY A 114 0.62 -1.33 -26.91
C GLY A 114 2.06 -1.80 -26.73
N PRO A 115 2.74 -2.16 -27.83
CA PRO A 115 4.12 -2.63 -27.79
C PRO A 115 5.04 -1.66 -27.07
N GLY A 116 5.89 -2.19 -26.20
CA GLY A 116 6.83 -1.35 -25.47
C GLY A 116 6.25 -0.55 -24.32
N TRP A 117 4.99 -0.77 -23.98
CA TRP A 117 4.40 -0.03 -22.87
C TRP A 117 5.18 -0.32 -21.58
N LEU A 118 5.46 -1.58 -21.32
CA LEU A 118 6.19 -1.94 -20.11
C LEU A 118 7.58 -1.31 -20.06
N ALA A 119 8.23 -1.21 -21.22
CA ALA A 119 9.57 -0.63 -21.29
C ALA A 119 9.62 0.81 -20.77
N GLY A 120 8.51 1.54 -20.84
CA GLY A 120 8.52 2.90 -20.37
C GLY A 120 7.83 3.08 -19.03
N ALA A 121 7.48 1.98 -18.39
CA ALA A 121 6.80 2.04 -17.11
C ALA A 121 7.72 1.90 -15.90
N THR A 122 7.14 2.15 -14.73
CA THR A 122 7.85 2.03 -13.46
C THR A 122 7.02 0.98 -12.73
N VAL A 123 7.68 -0.06 -12.25
CA VAL A 123 7.01 -1.18 -11.57
C VAL A 123 7.36 -1.19 -10.09
N THR A 124 6.34 -1.30 -9.26
CA THR A 124 6.57 -1.29 -7.82
C THR A 124 5.33 -1.73 -7.04
N TRP A 125 5.41 -1.70 -5.71
CA TRP A 125 4.28 -2.03 -4.85
C TRP A 125 3.56 -0.74 -4.50
N ARG A 126 2.24 -0.81 -4.38
CA ARG A 126 1.44 0.37 -4.02
C ARG A 126 1.99 1.00 -2.75
N GLY A 127 2.34 0.16 -1.77
CA GLY A 127 2.87 0.67 -0.51
C GLY A 127 4.12 1.52 -0.67
N HIS A 128 4.96 1.22 -1.66
CA HIS A 128 6.17 2.01 -1.88
C HIS A 128 5.76 3.40 -2.34
N LEU A 129 4.77 3.45 -3.25
CA LEU A 129 4.28 4.74 -3.74
C LEU A 129 3.64 5.54 -2.59
N THR A 130 2.96 4.84 -1.69
CA THR A 130 2.31 5.51 -0.55
C THR A 130 3.35 6.23 0.32
N LYS A 131 4.50 5.59 0.53
CA LYS A 131 5.55 6.20 1.33
C LYS A 131 6.12 7.44 0.64
N LEU A 132 6.12 7.46 -0.69
CA LEU A 132 6.61 8.61 -1.42
C LEU A 132 5.64 9.78 -1.21
N LEU A 133 4.35 9.51 -1.37
CA LEU A 133 3.31 10.53 -1.21
C LEU A 133 3.34 11.22 0.16
N THR A 134 3.58 10.46 1.21
CA THR A 134 3.58 11.04 2.55
C THR A 134 4.91 11.64 2.99
N THR A 135 5.95 11.48 2.17
CA THR A 135 7.27 11.99 2.49
C THR A 135 7.34 13.47 2.86
N PRO A 136 6.66 14.36 2.12
CA PRO A 136 6.73 15.78 2.46
C PRO A 136 6.25 16.11 3.88
N TYR A 137 5.41 15.26 4.43
CA TYR A 137 4.85 15.49 5.76
C TYR A 137 5.35 14.58 6.88
N GLU A 138 5.98 13.47 6.50
CA GLU A 138 6.48 12.49 7.47
C GLU A 138 7.65 13.03 8.28
N ARG A 139 7.59 12.87 9.60
CA ARG A 139 8.68 13.36 10.45
C ARG A 139 9.24 12.32 11.41
N GLN A 140 8.79 11.08 11.30
CA GLN A 140 9.25 10.02 12.20
C GLN A 140 9.99 8.86 11.54
N GLU A 141 9.43 8.33 10.44
CA GLU A 141 10.04 7.19 9.77
C GLU A 141 10.60 7.48 8.38
N GLY A 142 11.88 7.18 8.20
CA GLY A 142 12.50 7.38 6.91
C GLY A 142 12.38 6.12 6.07
N TRP A 143 13.01 6.10 4.90
CA TRP A 143 12.94 4.94 4.03
C TRP A 143 14.11 4.85 3.07
N GLN A 144 14.18 3.71 2.38
CA GLN A 144 15.20 3.45 1.36
C GLN A 144 14.51 2.68 0.25
N LEU A 145 14.72 3.12 -0.98
CA LEU A 145 14.13 2.48 -2.14
C LEU A 145 15.25 2.07 -3.10
N ALA A 146 15.29 0.80 -3.45
CA ALA A 146 16.31 0.31 -4.39
C ALA A 146 15.69 0.39 -5.78
N ALA A 147 16.48 0.86 -6.75
CA ALA A 147 15.99 1.00 -8.12
C ALA A 147 16.93 0.36 -9.11
N SER A 148 16.35 -0.37 -10.06
CA SER A 148 17.12 -1.02 -11.13
C SER A 148 16.35 -0.87 -12.42
N ARG A 149 17.07 -0.53 -13.50
CA ARG A 149 16.43 -0.42 -14.81
C ARG A 149 16.78 -1.71 -15.53
N PHE A 150 15.79 -2.33 -16.14
CA PHE A 150 15.98 -3.57 -16.87
C PHE A 150 15.04 -3.57 -18.07
N GLN A 151 15.64 -3.55 -19.26
CA GLN A 151 14.89 -3.50 -20.52
C GLN A 151 14.00 -2.26 -20.56
N GLY A 152 14.56 -1.14 -20.12
CA GLY A 152 13.84 0.12 -20.12
C GLY A 152 13.01 0.35 -18.87
N THR A 153 12.33 -0.69 -18.42
CA THR A 153 11.48 -0.61 -17.23
C THR A 153 12.26 -0.27 -15.96
N LEU A 154 11.74 0.67 -15.17
CA LEU A 154 12.37 1.04 -13.91
C LEU A 154 11.62 0.29 -12.81
N TYR A 155 12.36 -0.49 -12.02
CA TYR A 155 11.77 -1.24 -10.92
C TYR A 155 12.17 -0.60 -9.59
N LEU A 156 11.20 -0.41 -8.70
CA LEU A 156 11.46 0.19 -7.39
C LEU A 156 11.07 -0.79 -6.29
N SER A 157 12.03 -1.15 -5.45
CA SER A 157 11.81 -2.11 -4.38
C SER A 157 12.32 -1.54 -3.05
N GLU A 158 11.46 -1.48 -2.04
CA GLU A 158 11.87 -0.95 -0.75
C GLU A 158 12.88 -1.83 -0.02
N VAL A 159 13.77 -1.17 0.73
CA VAL A 159 14.78 -1.85 1.52
C VAL A 159 14.53 -1.47 2.97
N GLU A 160 14.46 -2.46 3.86
CA GLU A 160 14.23 -2.16 5.28
C GLU A 160 15.52 -1.53 5.81
N THR A 161 15.40 -0.33 6.38
CA THR A 161 16.57 0.37 6.91
C THR A 161 17.10 -0.31 8.17
N PRO A 162 18.39 -0.10 8.48
CA PRO A 162 18.94 -0.73 9.68
C PRO A 162 18.09 -0.39 10.91
N ALA A 163 17.66 0.87 11.00
CA ALA A 163 16.86 1.33 12.13
C ALA A 163 15.48 0.68 12.18
N ALA A 164 14.86 0.51 11.01
CA ALA A 164 13.55 -0.11 10.94
C ALA A 164 13.64 -1.58 11.31
N ARG A 165 14.77 -2.21 10.98
CA ARG A 165 14.95 -3.61 11.30
C ARG A 165 15.05 -3.74 12.82
N ALA A 166 15.79 -2.83 13.44
CA ALA A 166 15.97 -2.83 14.89
C ALA A 166 14.63 -2.61 15.59
N GLN A 167 13.85 -1.65 15.10
CA GLN A 167 12.54 -1.36 15.69
C GLN A 167 11.62 -2.57 15.59
N ARG A 168 11.70 -3.27 14.47
CA ARG A 168 10.88 -4.46 14.25
C ARG A 168 11.25 -5.55 15.24
N LEU A 169 12.55 -5.82 15.38
CA LEU A 169 12.98 -6.84 16.31
C LEU A 169 12.65 -6.50 17.77
N ALA A 170 12.57 -5.20 18.07
CA ALA A 170 12.27 -4.75 19.43
C ALA A 170 10.80 -4.41 19.62
N ARG A 171 9.97 -4.85 18.69
CA ARG A 171 8.54 -4.58 18.72
C ARG A 171 7.92 -4.93 20.07
N PRO A 172 7.33 -3.94 20.75
CA PRO A 172 6.70 -4.16 22.06
C PRO A 172 5.53 -5.13 21.97
N PRO A 173 5.28 -5.89 23.06
CA PRO A 173 4.17 -6.86 23.06
C PRO A 173 2.85 -6.21 22.65
N LEU A 174 2.60 -5.01 23.16
CA LEU A 174 1.37 -4.29 22.84
C LEU A 174 1.24 -4.02 21.35
N LEU A 175 2.33 -3.60 20.72
CA LEU A 175 2.31 -3.30 19.29
C LEU A 175 2.06 -4.59 18.51
N ARG A 176 2.63 -5.69 18.98
N ARG A 176 2.63 -5.69 18.97
CA ARG A 176 2.46 -6.98 18.33
CA ARG A 176 2.44 -6.98 18.30
C ARG A 176 0.97 -7.36 18.33
C ARG A 176 0.95 -7.35 18.32
N GLU A 177 0.29 -7.08 19.43
CA GLU A 177 -1.13 -7.40 19.54
C GLU A 177 -1.97 -6.44 18.70
N LEU A 178 -1.60 -5.17 18.69
CA LEU A 178 -2.33 -4.18 17.89
C LEU A 178 -2.25 -4.55 16.41
N MET A 179 -1.15 -5.14 15.98
CA MET A 179 -1.02 -5.55 14.59
C MET A 179 -1.98 -6.71 14.31
N TYR A 180 -2.13 -7.60 15.29
CA TYR A 180 -3.05 -8.74 15.13
C TYR A 180 -4.49 -8.23 15.06
N MET A 181 -4.80 -7.26 15.91
CA MET A 181 -6.14 -6.69 15.97
C MET A 181 -6.60 -6.10 14.65
N GLY A 182 -5.66 -5.52 13.91
CA GLY A 182 -6.02 -4.93 12.62
C GLY A 182 -6.48 -6.00 11.64
N TYR A 183 -5.82 -7.15 11.66
CA TYR A 183 -6.17 -8.27 10.79
C TYR A 183 -7.44 -8.95 11.31
N LYS A 184 -7.57 -9.02 12.62
CA LYS A 184 -8.75 -9.63 13.24
C LYS A 184 -10.00 -8.87 12.86
N PHE A 185 -9.90 -7.54 12.78
CA PHE A 185 -11.04 -6.71 12.41
C PHE A 185 -11.55 -7.11 11.03
N GLU A 186 -10.64 -7.44 10.12
CA GLU A 186 -11.03 -7.85 8.77
C GLU A 186 -11.88 -9.12 8.86
N GLN A 187 -11.51 -10.02 9.76
CA GLN A 187 -12.24 -11.28 9.94
C GLN A 187 -13.68 -11.06 10.38
N TYR A 188 -13.93 -9.99 11.14
CA TYR A 188 -15.27 -9.66 11.62
C TYR A 188 -16.09 -8.93 10.55
N MET A 189 -15.40 -8.40 9.54
CA MET A 189 -16.07 -7.62 8.50
C MET A 189 -16.13 -8.25 7.12
N CYS A 190 -15.55 -9.44 6.94
CA CYS A 190 -15.54 -10.07 5.64
C CYS A 190 -16.06 -11.51 5.65
N ALA A 191 -16.66 -11.91 4.54
CA ALA A 191 -17.18 -13.26 4.40
C ALA A 191 -16.45 -13.90 3.22
N ASP A 192 -16.37 -15.23 3.22
CA ASP A 192 -15.70 -15.94 2.15
C ASP A 192 -16.51 -15.96 0.86
N LYS A 193 -17.81 -15.71 0.97
CA LYS A 193 -18.67 -15.69 -0.20
C LYS A 193 -19.55 -14.45 -0.22
N PRO A 194 -19.93 -13.98 -1.42
CA PRO A 194 -20.78 -12.79 -1.54
C PRO A 194 -22.06 -12.94 -0.73
N GLY A 195 -22.36 -11.94 0.09
CA GLY A 195 -23.55 -11.99 0.90
C GLY A 195 -23.47 -13.05 1.99
N GLY A 196 -22.29 -13.63 2.17
CA GLY A 196 -22.12 -14.64 3.19
C GLY A 196 -21.95 -13.98 4.54
N SER A 197 -21.66 -14.78 5.57
CA SER A 197 -21.46 -14.24 6.91
C SER A 197 -20.04 -14.46 7.42
N PRO A 198 -19.50 -13.49 8.17
CA PRO A 198 -18.15 -13.57 8.71
C PRO A 198 -18.03 -14.75 9.68
N ASP A 199 -16.83 -15.28 9.83
CA ASP A 199 -16.60 -16.39 10.74
C ASP A 199 -15.38 -16.08 11.61
N PRO A 200 -15.59 -15.42 12.75
CA PRO A 200 -14.52 -15.05 13.69
C PRO A 200 -13.88 -16.21 14.45
N SER A 201 -14.44 -17.40 14.32
CA SER A 201 -13.90 -18.55 15.04
C SER A 201 -12.67 -19.15 14.39
N GLY A 202 -12.30 -18.65 13.20
CA GLY A 202 -11.15 -19.19 12.50
C GLY A 202 -9.80 -18.61 12.91
N GLU A 203 -8.77 -19.03 12.19
CA GLU A 203 -7.41 -18.57 12.43
C GLU A 203 -7.13 -17.31 11.64
N VAL A 204 -6.27 -16.45 12.19
CA VAL A 204 -5.86 -15.25 11.49
C VAL A 204 -4.49 -15.59 10.94
N ASN A 205 -4.43 -15.92 9.65
CA ASN A 205 -3.19 -16.29 8.98
C ASN A 205 -2.81 -15.15 8.05
N THR A 206 -1.77 -14.41 8.40
CA THR A 206 -1.40 -13.27 7.58
C THR A 206 -0.57 -13.57 6.34
N ASN A 207 -0.41 -14.85 6.01
CA ASN A 207 0.29 -15.22 4.78
C ASN A 207 -0.74 -15.07 3.66
N VAL A 208 -2.01 -15.19 4.02
CA VAL A 208 -3.10 -15.08 3.06
C VAL A 208 -3.28 -13.64 2.61
N ALA A 209 -3.34 -13.43 1.30
CA ALA A 209 -3.51 -12.09 0.75
C ALA A 209 -4.03 -12.07 -0.68
N TYR A 210 -4.88 -11.10 -0.98
CA TYR A 210 -5.42 -10.91 -2.32
C TYR A 210 -4.84 -9.60 -2.81
N CYS A 211 -4.21 -9.63 -3.98
CA CYS A 211 -3.60 -8.44 -4.55
C CYS A 211 -4.14 -8.08 -5.91
N SER A 212 -4.42 -6.78 -6.07
CA SER A 212 -4.90 -6.26 -7.34
C SER A 212 -3.69 -5.70 -8.08
N VAL A 213 -3.61 -5.92 -9.38
CA VAL A 213 -2.50 -5.41 -10.19
C VAL A 213 -3.10 -4.30 -11.03
N LEU A 214 -2.57 -3.09 -10.87
CA LEU A 214 -3.11 -1.94 -11.57
C LEU A 214 -2.21 -1.14 -12.48
N ARG A 215 -2.84 -0.45 -13.41
CA ARG A 215 -2.15 0.40 -14.35
C ARG A 215 -2.57 1.84 -14.06
N SER A 216 -1.61 2.76 -14.06
CA SER A 216 -1.91 4.17 -13.88
C SER A 216 -0.79 4.99 -14.50
N ARG A 217 -0.81 6.29 -14.24
N ARG A 217 -0.82 6.29 -14.26
CA ARG A 217 0.21 7.18 -14.77
CA ARG A 217 0.19 7.20 -14.77
C ARG A 217 0.15 8.49 -14.00
C ARG A 217 0.15 8.49 -13.97
N LEU A 218 1.31 8.92 -13.49
CA LEU A 218 1.42 10.16 -12.74
C LEU A 218 2.29 11.05 -13.60
N GLY A 219 1.78 12.22 -13.97
CA GLY A 219 2.55 13.08 -14.85
C GLY A 219 2.79 12.29 -16.13
N ASN A 220 4.03 12.26 -16.60
CA ASN A 220 4.35 11.52 -17.80
C ASN A 220 5.01 10.19 -17.43
N HIS A 221 4.67 9.67 -16.25
CA HIS A 221 5.25 8.42 -15.75
C HIS A 221 4.26 7.26 -15.66
N PRO A 222 4.25 6.35 -16.66
CA PRO A 222 3.34 5.20 -16.62
C PRO A 222 3.68 4.32 -15.41
N LEU A 223 2.67 3.79 -14.74
CA LEU A 223 2.91 2.96 -13.57
C LEU A 223 2.22 1.61 -13.62
N LEU A 224 2.92 0.59 -13.11
CA LEU A 224 2.37 -0.75 -13.01
C LEU A 224 2.65 -1.13 -11.57
N PHE A 225 1.60 -1.33 -10.78
CA PHE A 225 1.82 -1.68 -9.39
C PHE A 225 0.75 -2.58 -8.82
N SER A 226 1.11 -3.33 -7.80
N SER A 226 1.12 -3.35 -7.81
CA SER A 226 0.18 -4.24 -7.16
CA SER A 226 0.18 -4.24 -7.16
C SER A 226 -0.06 -3.76 -5.73
C SER A 226 -0.05 -3.77 -5.74
N GLY A 227 -1.23 -4.05 -5.20
CA GLY A 227 -1.56 -3.64 -3.85
C GLY A 227 -2.50 -4.64 -3.24
N GLU A 228 -2.29 -4.94 -1.96
CA GLU A 228 -3.15 -5.89 -1.27
C GLU A 228 -4.49 -5.21 -1.04
N VAL A 229 -5.57 -5.93 -1.31
CA VAL A 229 -6.93 -5.39 -1.16
C VAL A 229 -7.70 -6.18 -0.10
N ASP A 230 -8.38 -5.47 0.79
CA ASP A 230 -9.11 -6.12 1.87
C ASP A 230 -10.35 -6.92 1.49
N CYS A 231 -11.22 -6.32 0.69
CA CYS A 231 -12.43 -7.02 0.29
C CYS A 231 -13.15 -6.31 -0.85
N LEU A 232 -14.11 -7.01 -1.42
CA LEU A 232 -14.93 -6.49 -2.50
C LEU A 232 -16.33 -6.32 -1.93
N ASN A 233 -16.98 -5.20 -2.25
CA ASN A 233 -18.33 -4.95 -1.75
C ASN A 233 -19.39 -5.23 -2.82
N PRO A 234 -20.14 -6.33 -2.64
CA PRO A 234 -21.20 -6.73 -3.58
C PRO A 234 -22.36 -5.73 -3.62
N GLN A 235 -22.68 -5.18 -2.45
CA GLN A 235 -23.78 -4.22 -2.33
C GLN A 235 -23.53 -2.99 -3.18
N ALA A 236 -22.27 -2.66 -3.41
CA ALA A 236 -21.91 -1.50 -4.20
C ALA A 236 -22.52 -1.54 -5.60
N PRO A 237 -23.25 -0.49 -5.98
CA PRO A 237 -23.88 -0.44 -7.30
C PRO A 237 -22.83 -0.62 -8.39
N CYS A 238 -21.64 -0.07 -8.16
CA CYS A 238 -20.53 -0.17 -9.12
C CYS A 238 -19.78 -1.47 -8.83
N THR A 239 -19.82 -2.39 -9.78
CA THR A 239 -19.18 -3.69 -9.60
C THR A 239 -17.85 -3.87 -10.31
N GLN A 240 -17.37 -2.83 -10.99
CA GLN A 240 -16.11 -2.94 -11.72
C GLN A 240 -14.90 -2.52 -10.87
N PRO A 241 -13.94 -3.44 -10.66
CA PRO A 241 -12.76 -3.10 -9.87
C PRO A 241 -11.95 -2.02 -10.57
N PRO A 242 -11.24 -1.19 -9.79
CA PRO A 242 -11.14 -1.21 -8.32
C PRO A 242 -12.28 -0.52 -7.58
N SER A 243 -13.24 0.05 -8.31
CA SER A 243 -14.36 0.77 -7.72
C SER A 243 -15.21 -0.02 -6.73
N CYS A 244 -15.18 -1.34 -6.84
CA CYS A 244 -15.98 -2.20 -5.96
C CYS A 244 -15.24 -2.64 -4.69
N TYR A 245 -13.98 -2.26 -4.56
CA TYR A 245 -13.18 -2.64 -3.40
C TYR A 245 -13.37 -1.71 -2.21
N VAL A 246 -13.09 -2.23 -1.02
CA VAL A 246 -13.19 -1.46 0.21
C VAL A 246 -11.91 -1.68 1.01
N GLU A 247 -11.45 -0.63 1.67
CA GLU A 247 -10.25 -0.70 2.50
C GLU A 247 -10.74 -0.68 3.95
N LEU A 248 -10.30 -1.64 4.75
CA LEU A 248 -10.72 -1.71 6.14
C LEU A 248 -9.60 -1.18 7.04
N LYS A 249 -9.98 -0.49 8.12
CA LYS A 249 -9.00 0.09 9.04
C LYS A 249 -9.53 0.11 10.45
N THR A 250 -8.63 0.13 11.42
CA THR A 250 -9.02 0.27 12.82
C THR A 250 -8.25 1.47 13.34
N SER A 251 -8.81 2.12 14.35
CA SER A 251 -8.18 3.29 14.94
C SER A 251 -8.81 3.48 16.32
N LYS A 252 -8.11 4.16 17.21
CA LYS A 252 -8.63 4.38 18.55
C LYS A 252 -9.88 5.26 18.53
N GLU A 253 -10.78 5.00 19.47
CA GLU A 253 -11.99 5.80 19.59
C GLU A 253 -11.53 7.20 19.94
N MET A 254 -12.26 8.19 19.46
CA MET A 254 -11.93 9.59 19.74
C MET A 254 -13.15 10.25 20.35
N HIS A 255 -12.94 11.18 21.28
CA HIS A 255 -14.07 11.85 21.93
C HIS A 255 -14.00 13.38 21.86
N SER A 256 -12.79 13.93 21.78
CA SER A 256 -12.64 15.38 21.74
C SER A 256 -12.35 15.91 20.35
N PRO A 257 -12.78 17.14 20.06
CA PRO A 257 -12.53 17.75 18.74
C PRO A 257 -11.04 17.78 18.48
N GLY A 258 -10.25 17.85 19.55
CA GLY A 258 -8.81 17.88 19.42
C GLY A 258 -8.26 16.56 18.89
N GLN A 259 -8.81 15.46 19.38
CA GLN A 259 -8.37 14.14 18.93
C GLN A 259 -8.74 13.94 17.46
N TRP A 260 -9.97 14.34 17.10
CA TRP A 260 -10.41 14.21 15.72
C TRP A 260 -9.52 15.02 14.78
N ARG A 261 -9.15 16.22 15.22
CA ARG A 261 -8.29 17.09 14.43
C ARG A 261 -6.93 16.46 14.17
N SER A 262 -6.35 15.82 15.19
CA SER A 262 -5.04 15.18 15.04
C SER A 262 -5.18 14.00 14.07
N PHE A 263 -6.29 13.29 14.17
CA PHE A 263 -6.58 12.15 13.31
C PHE A 263 -6.65 12.60 11.85
N TYR A 264 -7.30 13.74 11.62
CA TYR A 264 -7.41 14.27 10.26
C TYR A 264 -6.08 14.67 9.66
N ARG A 265 -5.24 15.27 10.49
CA ARG A 265 -3.94 15.76 10.06
C ARG A 265 -2.86 14.70 9.87
N HIS A 266 -2.95 13.61 10.62
CA HIS A 266 -1.93 12.58 10.53
C HIS A 266 -2.41 11.25 9.97
N LYS A 267 -3.36 10.62 10.64
CA LYS A 267 -3.84 9.33 10.16
C LYS A 267 -4.54 9.37 8.80
N LEU A 268 -5.46 10.32 8.58
CA LEU A 268 -6.15 10.38 7.30
C LEU A 268 -5.23 10.57 6.12
N LEU A 269 -4.12 11.26 6.32
CA LEU A 269 -3.16 11.46 5.24
C LEU A 269 -2.67 10.11 4.76
N LYS A 270 -2.36 9.21 5.70
CA LYS A 270 -1.89 7.89 5.33
C LYS A 270 -3.00 7.02 4.73
N TRP A 271 -4.22 7.19 5.22
CA TRP A 271 -5.35 6.43 4.68
C TRP A 271 -5.62 6.89 3.24
N TRP A 272 -5.55 8.20 3.03
CA TRP A 272 -5.78 8.75 1.71
C TRP A 272 -4.69 8.29 0.75
N ALA A 273 -3.43 8.38 1.19
CA ALA A 273 -2.29 8.01 0.38
C ALA A 273 -2.33 6.55 -0.06
N GLN A 274 -2.90 5.69 0.78
CA GLN A 274 -2.98 4.27 0.44
C GLN A 274 -4.10 3.94 -0.54
N SER A 275 -5.30 4.48 -0.28
CA SER A 275 -6.44 4.19 -1.12
C SER A 275 -6.61 5.00 -2.39
N PHE A 276 -6.02 6.19 -2.43
CA PHE A 276 -6.17 7.02 -3.63
C PHE A 276 -5.47 6.39 -4.84
N LEU A 277 -4.25 5.93 -4.64
CA LEU A 277 -3.45 5.33 -5.71
C LEU A 277 -4.14 4.22 -6.50
N PRO A 278 -4.62 3.17 -5.82
CA PRO A 278 -5.29 2.03 -6.46
C PRO A 278 -6.74 2.31 -6.87
N GLY A 279 -7.24 3.50 -6.53
CA GLY A 279 -8.60 3.82 -6.89
C GLY A 279 -9.66 3.19 -5.99
N VAL A 280 -9.28 2.85 -4.77
CA VAL A 280 -10.24 2.29 -3.81
C VAL A 280 -11.01 3.49 -3.29
N PRO A 281 -12.32 3.55 -3.57
CA PRO A 281 -13.19 4.66 -3.15
C PRO A 281 -13.65 4.81 -1.70
N HIS A 282 -13.64 3.74 -0.93
CA HIS A 282 -14.10 3.82 0.46
C HIS A 282 -13.20 3.12 1.47
N VAL A 283 -13.04 3.74 2.62
CA VAL A 283 -12.28 3.18 3.73
C VAL A 283 -13.29 3.07 4.86
N VAL A 284 -13.46 1.87 5.40
CA VAL A 284 -14.39 1.67 6.50
C VAL A 284 -13.55 1.47 7.76
N ALA A 285 -13.71 2.39 8.72
CA ALA A 285 -12.96 2.34 9.96
C ALA A 285 -13.72 1.77 11.14
N GLY A 286 -13.01 0.96 11.90
CA GLY A 286 -13.59 0.39 13.11
C GLY A 286 -12.86 1.06 14.25
N PHE A 287 -13.59 1.80 15.07
CA PHE A 287 -12.96 2.47 16.19
C PHE A 287 -12.97 1.56 17.42
N ARG A 288 -11.78 1.29 17.94
CA ARG A 288 -11.65 0.40 19.08
C ARG A 288 -11.53 1.14 20.40
N ASN A 289 -12.14 0.61 21.45
CA ASN A 289 -12.05 1.23 22.76
C ASN A 289 -10.80 0.67 23.44
N PRO A 290 -10.42 1.22 24.61
CA PRO A 290 -9.23 0.75 25.32
C PRO A 290 -9.24 -0.73 25.71
N GLU A 291 -10.43 -1.32 25.76
CA GLU A 291 -10.55 -2.74 26.12
C GLU A 291 -10.36 -3.66 24.91
N GLY A 292 -10.17 -3.07 23.73
CA GLY A 292 -9.95 -3.87 22.55
C GLY A 292 -11.17 -4.29 21.75
N PHE A 293 -12.28 -3.59 21.92
CA PHE A 293 -13.50 -3.91 21.18
C PHE A 293 -13.81 -2.82 20.18
N VAL A 294 -14.33 -3.20 19.02
CA VAL A 294 -14.74 -2.21 18.04
C VAL A 294 -16.24 -2.05 18.30
N CYS A 295 -16.64 -0.88 18.78
N CYS A 295 -16.64 -0.88 18.78
CA CYS A 295 -18.05 -0.64 19.05
CA CYS A 295 -18.05 -0.64 19.06
C CYS A 295 -18.64 0.47 18.20
C CYS A 295 -18.64 0.46 18.19
N SER A 296 -17.91 0.84 17.15
CA SER A 296 -18.35 1.90 16.24
C SER A 296 -17.71 1.76 14.86
N LEU A 297 -18.45 2.07 13.81
CA LEU A 297 -17.95 1.99 12.44
C LEU A 297 -18.26 3.29 11.70
N LYS A 298 -17.36 3.70 10.82
CA LYS A 298 -17.57 4.91 10.03
C LYS A 298 -16.92 4.76 8.67
N THR A 299 -17.62 5.21 7.64
CA THR A 299 -17.10 5.12 6.28
C THR A 299 -16.51 6.46 5.86
N PHE A 300 -15.28 6.41 5.34
CA PHE A 300 -14.60 7.61 4.87
C PHE A 300 -14.36 7.54 3.38
N PRO A 301 -15.14 8.29 2.58
CA PRO A 301 -14.92 8.25 1.13
C PRO A 301 -13.54 8.83 0.84
N THR A 302 -12.73 8.09 0.09
CA THR A 302 -11.38 8.53 -0.24
C THR A 302 -11.31 9.94 -0.83
N MET A 303 -12.19 10.23 -1.79
CA MET A 303 -12.18 11.55 -2.42
C MET A 303 -12.68 12.70 -1.54
N GLU A 304 -13.10 12.40 -0.32
CA GLU A 304 -13.58 13.44 0.58
C GLU A 304 -12.65 13.64 1.77
N MET A 305 -11.66 12.76 1.90
CA MET A 305 -10.74 12.85 3.02
C MET A 305 -10.09 14.22 3.16
N PHE A 306 -9.62 14.77 2.05
CA PHE A 306 -8.97 16.08 2.05
C PHE A 306 -9.87 17.19 2.57
N GLU A 307 -11.18 17.04 2.39
CA GLU A 307 -12.12 18.07 2.85
C GLU A 307 -11.93 18.40 4.32
N ASN A 308 -11.52 17.40 5.10
CA ASN A 308 -11.31 17.57 6.53
C ASN A 308 -10.12 18.46 6.89
N VAL A 309 -9.25 18.72 5.93
CA VAL A 309 -8.08 19.56 6.20
C VAL A 309 -7.83 20.65 5.15
N ARG A 310 -8.78 20.84 4.23
CA ARG A 310 -8.64 21.83 3.16
C ARG A 310 -8.29 23.25 3.63
N ASN A 311 -8.92 23.67 4.71
CA ASN A 311 -8.68 25.02 5.24
C ASN A 311 -7.99 24.93 6.59
N ASP A 312 -7.07 23.98 6.71
CA ASP A 312 -6.33 23.76 7.94
C ASP A 312 -4.88 24.21 7.76
N ARG A 313 -4.44 25.14 8.60
CA ARG A 313 -3.06 25.66 8.53
C ARG A 313 -2.04 24.56 8.81
N GLU A 314 -2.47 23.49 9.47
CA GLU A 314 -1.57 22.40 9.78
C GLU A 314 -1.98 21.11 9.09
N GLY A 315 -2.78 21.24 8.03
CA GLY A 315 -3.23 20.06 7.31
C GLY A 315 -2.29 19.65 6.19
N TRP A 316 -2.66 18.60 5.47
CA TRP A 316 -1.86 18.11 4.36
C TRP A 316 -2.58 18.45 3.05
N ASN A 317 -1.86 18.38 1.94
CA ASN A 317 -2.42 18.71 0.64
C ASN A 317 -2.08 17.63 -0.37
N PRO A 318 -3.10 17.00 -0.99
CA PRO A 318 -2.90 15.94 -1.98
C PRO A 318 -1.98 16.35 -3.13
N SER A 319 -2.07 17.62 -3.53
CA SER A 319 -1.24 18.13 -4.62
C SER A 319 0.24 18.05 -4.26
N VAL A 320 0.56 18.37 -3.01
CA VAL A 320 1.95 18.32 -2.55
C VAL A 320 2.43 16.87 -2.61
N CYS A 321 1.59 15.97 -2.12
CA CYS A 321 1.92 14.54 -2.13
C CYS A 321 2.20 14.02 -3.53
N MET A 322 1.28 14.29 -4.44
CA MET A 322 1.42 13.84 -5.83
C MET A 322 2.54 14.56 -6.59
N ASN A 323 2.73 15.85 -6.34
CA ASN A 323 3.79 16.56 -7.04
C ASN A 323 5.16 16.08 -6.58
N PHE A 324 5.29 15.75 -5.30
CA PHE A 324 6.57 15.25 -4.82
C PHE A 324 6.83 13.88 -5.44
N CYS A 325 5.80 13.04 -5.46
CA CYS A 325 5.94 11.70 -6.02
C CYS A 325 6.34 11.77 -7.49
N ALA A 326 5.70 12.67 -8.25
CA ALA A 326 6.05 12.82 -9.66
C ALA A 326 7.50 13.30 -9.74
N ALA A 327 7.88 14.20 -8.84
CA ALA A 327 9.25 14.73 -8.82
C ALA A 327 10.25 13.61 -8.54
N PHE A 328 9.91 12.72 -7.61
CA PHE A 328 10.81 11.62 -7.30
C PHE A 328 10.93 10.67 -8.49
N LEU A 329 9.82 10.41 -9.18
CA LEU A 329 9.86 9.51 -10.32
C LEU A 329 10.77 10.08 -11.41
N SER A 330 10.69 11.40 -11.61
N SER A 330 10.70 11.40 -11.62
CA SER A 330 11.54 12.07 -12.60
CA SER A 330 11.55 12.05 -12.61
C SER A 330 12.99 11.97 -12.16
C SER A 330 12.99 11.96 -12.16
N PHE A 331 13.22 12.19 -10.86
CA PHE A 331 14.55 12.13 -10.30
C PHE A 331 15.12 10.72 -10.45
N ALA A 332 14.32 9.71 -10.12
CA ALA A 332 14.79 8.33 -10.23
C ALA A 332 15.09 7.95 -11.68
N GLN A 333 14.19 8.31 -12.59
CA GLN A 333 14.39 8.00 -14.01
C GLN A 333 15.66 8.63 -14.57
N SER A 334 15.93 9.89 -14.23
N SER A 334 15.93 9.89 -14.23
CA SER A 334 17.11 10.59 -14.72
CA SER A 334 17.10 10.59 -14.71
C SER A 334 18.39 10.08 -14.07
C SER A 334 18.39 10.09 -14.06
N THR A 335 18.29 9.65 -12.81
CA THR A 335 19.45 9.14 -12.09
C THR A 335 19.86 7.75 -12.54
N VAL A 336 18.87 6.88 -12.76
CA VAL A 336 19.16 5.51 -13.18
C VAL A 336 19.25 5.45 -14.70
N VAL A 337 20.44 5.71 -15.21
CA VAL A 337 20.68 5.72 -16.65
C VAL A 337 21.01 4.33 -17.19
N GLN A 338 21.86 3.62 -16.46
CA GLN A 338 22.30 2.29 -16.85
C GLN A 338 21.23 1.21 -16.78
N ASP A 339 21.02 0.54 -17.90
CA ASP A 339 20.06 -0.57 -17.99
C ASP A 339 20.89 -1.77 -17.56
N ASP A 340 20.66 -2.25 -16.34
CA ASP A 340 21.40 -3.38 -15.78
C ASP A 340 20.65 -3.89 -14.55
N PRO A 341 20.13 -5.12 -14.61
CA PRO A 341 19.39 -5.69 -13.48
C PRO A 341 20.22 -6.02 -12.24
N ARG A 342 21.55 -5.98 -12.37
CA ARG A 342 22.43 -6.26 -11.24
C ARG A 342 22.89 -4.97 -10.58
N LEU A 343 22.56 -3.84 -11.20
CA LEU A 343 22.94 -2.54 -10.66
C LEU A 343 21.78 -1.94 -9.89
N VAL A 344 22.11 -1.31 -8.77
CA VAL A 344 21.08 -0.69 -7.95
C VAL A 344 21.46 0.71 -7.52
N HIS A 345 20.52 1.63 -7.69
CA HIS A 345 20.71 2.99 -7.21
C HIS A 345 19.80 3.01 -5.99
N LEU A 346 20.41 3.15 -4.81
CA LEU A 346 19.64 3.18 -3.57
C LEU A 346 19.28 4.61 -3.19
N PHE A 347 17.98 4.88 -3.10
CA PHE A 347 17.52 6.21 -2.73
C PHE A 347 17.19 6.17 -1.24
N SER A 348 17.91 6.99 -0.47
CA SER A 348 17.70 7.04 0.98
C SER A 348 17.12 8.35 1.45
N TRP A 349 16.23 8.28 2.43
CA TRP A 349 15.60 9.48 2.98
C TRP A 349 15.29 9.35 4.45
N GLU A 350 15.58 10.41 5.20
CA GLU A 350 15.29 10.49 6.63
C GLU A 350 14.65 11.86 6.86
N PRO A 351 13.65 11.93 7.74
CA PRO A 351 13.01 13.23 8.00
C PRO A 351 14.04 14.31 8.31
N GLY A 352 13.84 15.51 7.77
CA GLY A 352 14.76 16.60 8.01
C GLY A 352 15.82 16.80 6.94
N GLY A 353 15.84 15.91 5.95
CA GLY A 353 16.83 16.03 4.89
C GLY A 353 16.26 15.68 3.53
N PRO A 354 17.08 15.73 2.47
CA PRO A 354 16.64 15.43 1.11
C PRO A 354 16.82 13.94 0.83
N VAL A 355 16.39 13.51 -0.36
CA VAL A 355 16.55 12.12 -0.74
C VAL A 355 17.94 12.06 -1.38
N THR A 356 18.79 11.15 -0.89
CA THR A 356 20.14 11.01 -1.43
C THR A 356 20.28 9.69 -2.18
N VAL A 357 21.34 9.56 -2.97
CA VAL A 357 21.55 8.35 -3.75
C VAL A 357 22.94 7.75 -3.63
N SER A 358 23.00 6.42 -3.61
CA SER A 358 24.26 5.68 -3.55
C SER A 358 24.13 4.56 -4.57
N VAL A 359 25.25 4.13 -5.14
CA VAL A 359 25.22 3.08 -6.15
C VAL A 359 25.82 1.78 -5.62
N HIS A 360 25.15 0.67 -5.93
CA HIS A 360 25.58 -0.65 -5.46
C HIS A 360 25.39 -1.69 -6.56
N ARG A 361 26.16 -2.78 -6.48
CA ARG A 361 26.07 -3.84 -7.48
C ARG A 361 25.91 -5.20 -6.79
N ASP A 362 25.10 -6.06 -7.41
CA ASP A 362 24.83 -7.41 -6.90
C ASP A 362 24.35 -7.46 -5.44
N ALA A 363 24.55 -8.60 -4.78
CA ALA A 363 24.14 -8.76 -3.40
C ALA A 363 24.76 -7.71 -2.50
N PRO A 364 24.05 -7.27 -1.45
CA PRO A 364 22.70 -7.72 -1.08
C PRO A 364 21.55 -6.88 -1.67
N TYR A 365 21.87 -5.72 -2.23
CA TYR A 365 20.84 -4.84 -2.77
C TYR A 365 20.11 -5.28 -4.05
N ALA A 366 20.82 -5.91 -4.98
CA ALA A 366 20.20 -6.37 -6.22
C ALA A 366 18.97 -7.19 -5.86
N PHE A 367 17.84 -6.86 -6.48
CA PHE A 367 16.59 -7.54 -6.16
C PHE A 367 15.86 -8.25 -7.29
N LEU A 368 16.28 -8.04 -8.53
CA LEU A 368 15.62 -8.74 -9.65
C LEU A 368 16.23 -10.14 -9.72
N PRO A 369 15.41 -11.17 -9.48
CA PRO A 369 15.87 -12.57 -9.51
C PRO A 369 16.22 -13.07 -10.90
N SER A 370 17.16 -14.01 -10.96
CA SER A 370 17.57 -14.56 -12.25
C SER A 370 16.41 -15.23 -12.97
N TRP A 371 15.49 -15.85 -12.24
CA TRP A 371 14.37 -16.50 -12.92
C TRP A 371 13.54 -15.49 -13.71
N TYR A 372 13.53 -14.24 -13.25
CA TYR A 372 12.80 -13.20 -13.94
C TYR A 372 13.64 -12.67 -15.10
N VAL A 373 14.87 -12.26 -14.77
CA VAL A 373 15.80 -11.70 -15.75
C VAL A 373 16.04 -12.63 -16.93
N GLU A 374 16.36 -13.88 -16.66
CA GLU A 374 16.62 -14.84 -17.72
C GLU A 374 15.43 -15.06 -18.65
N THR A 375 14.24 -15.15 -18.07
CA THR A 375 13.04 -15.36 -18.87
C THR A 375 12.75 -14.16 -19.76
N MET A 376 12.78 -12.97 -19.15
CA MET A 376 12.53 -11.74 -19.88
C MET A 376 13.54 -11.52 -21.00
N THR A 377 14.78 -11.94 -20.76
CA THR A 377 15.84 -11.80 -21.75
C THR A 377 15.64 -12.73 -22.93
N GLN A 378 15.32 -13.99 -22.64
CA GLN A 378 15.11 -14.98 -23.69
C GLN A 378 13.90 -14.63 -24.54
C2 UBD C . 14.82 18.64 2.71
C4 UBD C . 13.44 18.67 4.70
C5 UBD C . 14.41 19.40 5.37
C6 UBD C . 15.58 19.74 4.69
N1 UBD C . 15.77 19.35 3.36
O2 UBD C . 15.01 18.28 1.56
P1 UBD C . 19.10 21.57 6.33
O1P UBD C . 17.78 20.99 6.68
O2P UBD C . 20.16 20.52 6.94
O3P UBD C . 19.28 23.00 7.04
O5' UBD C . 19.27 21.68 4.74
C5' UBD C . 20.09 20.75 4.04
C4' UBD C . 19.28 20.09 2.92
O4' UBD C . 18.18 19.37 3.49
C3' UBD C . 18.67 21.16 2.01
O3' UBD C . 18.77 20.76 0.65
C2' UBD C . 17.22 21.17 2.47
O2' UBD C . 16.38 21.62 1.40
C1' UBD C . 17.03 19.68 2.67
N3 UBD C . 13.64 18.30 3.37
O4 UBD C . 12.42 18.32 5.30
P2 UBD C . 20.06 21.18 -0.21
O4P UBD C . 19.61 21.17 -1.76
O5P UBD C . 20.36 22.72 0.16
O6P UBD C . 21.22 20.30 0.04
MG MG D . -6.96 -2.50 5.70
MG MG E . -4.99 -4.77 3.50
#